data_2VSM
#
_entry.id   2VSM
#
_cell.length_a   63.236
_cell.length_b   95.834
_cell.length_c   97.909
_cell.angle_alpha   90.00
_cell.angle_beta   90.00
_cell.angle_gamma   90.00
#
_symmetry.space_group_name_H-M   'P 21 21 21'
#
loop_
_entity.id
_entity.type
_entity.pdbx_description
1 polymer HEMAGGLUTININ-NEURAMINIDASE
2 polymer EPHRIN-B2
3 non-polymer 'ISOPROPYL ALCOHOL'
4 non-polymer 2-acetamido-2-deoxy-beta-D-glucopyranose
5 water water
#
loop_
_entity_poly.entity_id
_entity_poly.type
_entity_poly.pdbx_seq_one_letter_code
_entity_poly.pdbx_strand_id
1 'polypeptide(L)'
;ICLQKTSNQILKPKLISYTLPVVGQSGTCITDPLLAMDEGYFAYSHLERIGSCSRGVSKQRIIGVGEVLDRGDEVPSLFM
TNVWTPPNPNTVYHCSAVYNNEFYYVLCAVSTVGDPILNSTYWSGSLMMTRLAVKPKSNGGGYNQHQLALRSIEKGRYDK
VMPYGPSGIKQGDTLYFPAVGFLVRTEFKYNDSNCPITKCQYSKPENCRLSMGIRPNSHYILRSGLLKYNLSDGENPKVV
FIEISDQRLSIGSPSKIYDSLGQPVFYQASFSWDTMIKFGDVLTVNPLVVNWRNNTVISRPGQSQCPRFNTCPEICWEGV
YNDAFLIDRINWISAGVFLDSNQTAENPVFTVFKDNEILYRAQLASEDTNAQKTITNCFLLKNKIWCISLVEIYDTGDNV
IRPKLFAVKIPEQCTH
;
A
2 'polypeptide(L)'
;IVLEPIYWNSSNSKFLPGQGLVLYPQIGDKLDIICPKVDSKTVGQYEYYKVYMVDKDQADRCTIKKENTPLLNCAKPDQD
IKFTIKFQEFSPNLWGLEFQKNKDYYIISTSNGSLEGLDNQEGGVCQTRAMKILMKVGHH
;
B
#
# COMPACT_ATOMS: atom_id res chain seq x y z
N ILE A 1 8.71 -26.59 -11.85
CA ILE A 1 8.95 -25.19 -12.32
C ILE A 1 10.45 -24.93 -12.52
N CYS A 2 10.78 -23.87 -13.26
CA CYS A 2 12.17 -23.49 -13.45
C CYS A 2 12.74 -22.99 -12.12
N LEU A 3 13.80 -23.63 -11.65
CA LEU A 3 14.40 -23.27 -10.35
C LEU A 3 15.70 -22.48 -10.53
N GLN A 4 16.08 -22.25 -11.78
CA GLN A 4 17.35 -21.60 -12.07
C GLN A 4 17.13 -20.10 -12.23
N LYS A 5 18.13 -19.32 -11.84
CA LYS A 5 18.20 -17.94 -12.25
C LYS A 5 18.45 -17.88 -13.76
N THR A 6 17.69 -17.05 -14.47
CA THR A 6 17.88 -16.87 -15.92
C THR A 6 17.37 -15.54 -16.45
N SER A 7 18.06 -15.03 -17.48
CA SER A 7 17.64 -13.79 -18.16
C SER A 7 16.80 -14.12 -19.40
N ASN A 8 16.61 -15.41 -19.68
CA ASN A 8 15.68 -15.83 -20.74
C ASN A 8 14.27 -15.33 -20.44
N GLN A 9 13.53 -15.04 -21.51
CA GLN A 9 12.17 -14.52 -21.41
C GLN A 9 11.19 -15.66 -21.29
N ILE A 10 11.29 -16.41 -20.19
CA ILE A 10 10.49 -17.59 -20.01
C ILE A 10 9.07 -17.25 -19.49
N LEU A 11 8.88 -16.07 -18.91
CA LEU A 11 7.55 -15.66 -18.45
C LEU A 11 6.82 -14.97 -19.60
N LYS A 12 5.56 -15.34 -19.80
CA LYS A 12 4.78 -14.78 -20.90
C LYS A 12 3.41 -14.29 -20.38
N PRO A 13 3.38 -13.11 -19.72
CA PRO A 13 2.16 -12.58 -19.13
C PRO A 13 1.05 -12.37 -20.16
N LYS A 14 -0.18 -12.73 -19.80
CA LYS A 14 -1.35 -12.54 -20.65
C LYS A 14 -2.32 -11.60 -19.96
N LEU A 15 -2.74 -10.55 -20.67
CA LEU A 15 -3.77 -9.68 -20.16
C LEU A 15 -5.10 -10.39 -20.25
N ILE A 16 -5.81 -10.50 -19.14
CA ILE A 16 -7.08 -11.20 -19.17
C ILE A 16 -8.21 -10.21 -18.97
N SER A 17 -9.39 -10.59 -19.46
CA SER A 17 -10.54 -9.72 -19.37
C SER A 17 -10.78 -9.38 -17.91
N TYR A 18 -11.16 -8.14 -17.66
CA TYR A 18 -11.34 -7.69 -16.29
C TYR A 18 -12.64 -8.29 -15.74
N THR A 19 -12.72 -8.37 -14.41
CA THR A 19 -13.98 -8.68 -13.77
C THR A 19 -14.86 -7.44 -13.87
N LEU A 20 -15.88 -7.50 -14.74
CA LEU A 20 -16.81 -6.40 -15.07
C LEU A 20 -16.65 -5.96 -16.53
N GLY A 24 -17.50 1.77 -18.62
CA GLY A 24 -17.10 2.88 -17.76
C GLY A 24 -17.49 4.22 -18.35
N GLN A 25 -17.05 5.30 -17.71
CA GLN A 25 -17.24 6.65 -18.24
C GLN A 25 -15.95 7.45 -18.08
N SER A 26 -15.71 8.38 -19.01
CA SER A 26 -14.47 9.14 -19.03
C SER A 26 -14.32 9.94 -17.77
N GLY A 27 -13.08 10.08 -17.28
CA GLY A 27 -12.82 10.91 -16.13
C GLY A 27 -13.17 10.23 -14.82
N THR A 28 -13.16 8.90 -14.84
CA THR A 28 -13.33 8.13 -13.62
C THR A 28 -12.08 7.31 -13.29
N CYS A 29 -12.01 6.90 -12.04
CA CYS A 29 -10.93 6.05 -11.56
C CYS A 29 -11.56 4.91 -10.79
N ILE A 30 -11.18 3.69 -11.12
CA ILE A 30 -11.59 2.51 -10.38
C ILE A 30 -10.44 2.24 -9.42
N THR A 31 -10.74 2.35 -8.13
CA THR A 31 -9.73 2.39 -7.09
C THR A 31 -10.06 1.48 -5.90
N ASP A 32 -9.21 1.51 -4.88
CA ASP A 32 -9.35 0.65 -3.69
C ASP A 32 -9.71 -0.83 -4.02
N PRO A 33 -8.88 -1.47 -4.83
CA PRO A 33 -9.24 -2.82 -5.31
C PRO A 33 -9.00 -3.89 -4.27
N LEU A 34 -9.81 -4.95 -4.38
CA LEU A 34 -9.57 -6.18 -3.66
C LEU A 34 -9.73 -7.30 -4.66
N LEU A 35 -8.85 -8.28 -4.59
CA LEU A 35 -9.04 -9.56 -5.27
C LEU A 35 -8.59 -10.63 -4.29
N ALA A 36 -9.40 -11.69 -4.19
CA ALA A 36 -9.15 -12.86 -3.34
C ALA A 36 -9.44 -14.11 -4.18
N MET A 37 -8.71 -15.20 -3.95
CA MET A 37 -8.94 -16.45 -4.65
C MET A 37 -8.81 -17.63 -3.70
N ASP A 38 -9.74 -18.58 -3.83
CA ASP A 38 -9.68 -19.80 -3.06
C ASP A 38 -10.59 -20.84 -3.77
N GLU A 39 -10.05 -22.06 -3.92
CA GLU A 39 -10.84 -23.22 -4.39
CA GLU A 39 -10.83 -23.23 -4.39
C GLU A 39 -11.56 -23.07 -5.72
N GLY A 40 -10.99 -22.31 -6.65
CA GLY A 40 -11.61 -22.10 -7.95
C GLY A 40 -12.60 -20.94 -8.04
N TYR A 41 -12.67 -20.16 -6.96
CA TYR A 41 -13.53 -18.99 -6.86
C TYR A 41 -12.69 -17.76 -6.54
N PHE A 42 -13.33 -16.59 -6.67
CA PHE A 42 -12.70 -15.32 -6.34
C PHE A 42 -13.73 -14.37 -5.77
N ALA A 43 -13.23 -13.36 -5.08
CA ALA A 43 -13.99 -12.24 -4.60
C ALA A 43 -13.25 -10.99 -5.04
N TYR A 44 -13.99 -9.92 -5.18
CA TYR A 44 -13.51 -8.73 -5.84
C TYR A 44 -14.25 -7.54 -5.26
N SER A 45 -13.53 -6.44 -5.09
CA SER A 45 -14.19 -5.19 -4.77
C SER A 45 -13.45 -4.00 -5.39
N HIS A 46 -14.19 -2.92 -5.58
CA HIS A 46 -13.61 -1.66 -5.95
C HIS A 46 -14.49 -0.49 -5.58
N LEU A 47 -13.89 0.68 -5.62
CA LEU A 47 -14.60 1.96 -5.54
C LEU A 47 -14.44 2.72 -6.87
N GLU A 48 -15.55 3.07 -7.48
CA GLU A 48 -15.51 3.89 -8.67
C GLU A 48 -15.66 5.36 -8.21
N ARG A 49 -14.68 6.17 -8.58
N ARG A 49 -14.65 6.17 -8.53
CA ARG A 49 -14.73 7.60 -8.29
CA ARG A 49 -14.65 7.62 -8.24
C ARG A 49 -14.78 8.44 -9.55
C ARG A 49 -14.80 8.42 -9.54
N ILE A 50 -15.46 9.58 -9.44
CA ILE A 50 -15.55 10.52 -10.54
C ILE A 50 -14.53 11.59 -10.21
N GLY A 51 -13.49 11.67 -11.04
CA GLY A 51 -12.40 12.58 -10.79
C GLY A 51 -11.16 11.84 -10.35
N SER A 52 -10.39 12.43 -9.43
CA SER A 52 -9.12 11.86 -9.04
C SER A 52 -9.24 10.54 -8.29
N CYS A 53 -8.19 9.72 -8.39
CA CYS A 53 -8.20 8.43 -7.71
C CYS A 53 -8.30 8.53 -6.18
N SER A 54 -7.74 9.62 -5.62
CA SER A 54 -7.71 9.81 -4.17
C SER A 54 -8.90 10.57 -3.60
N ARG A 55 -9.45 11.51 -4.36
CA ARG A 55 -10.44 12.42 -3.79
C ARG A 55 -11.63 12.68 -4.68
N GLY A 56 -11.77 11.94 -5.77
CA GLY A 56 -12.94 12.01 -6.60
C GLY A 56 -14.19 11.62 -5.81
N VAL A 57 -15.34 12.10 -6.28
CA VAL A 57 -16.61 11.77 -5.67
C VAL A 57 -16.82 10.26 -5.77
N SER A 58 -17.27 9.64 -4.67
CA SER A 58 -17.51 8.20 -4.64
C SER A 58 -18.80 7.90 -5.37
N LYS A 59 -18.70 7.16 -6.46
CA LYS A 59 -19.86 6.87 -7.27
C LYS A 59 -20.51 5.54 -6.92
N GLN A 60 -19.70 4.48 -6.84
CA GLN A 60 -20.23 3.14 -6.60
C GLN A 60 -19.17 2.25 -5.96
N ARG A 61 -19.58 1.46 -4.98
CA ARG A 61 -18.78 0.41 -4.41
C ARG A 61 -19.42 -0.89 -4.91
N ILE A 62 -18.57 -1.76 -5.43
N ILE A 62 -18.63 -1.78 -5.47
CA ILE A 62 -18.90 -3.12 -5.89
CA ILE A 62 -19.13 -3.11 -5.78
C ILE A 62 -18.29 -4.12 -4.90
C ILE A 62 -18.32 -4.16 -5.01
N ILE A 63 -19.06 -5.14 -4.51
CA ILE A 63 -18.49 -6.35 -3.88
C ILE A 63 -19.08 -7.54 -4.65
N GLY A 64 -18.21 -8.30 -5.32
CA GLY A 64 -18.61 -9.39 -6.19
C GLY A 64 -17.78 -10.65 -5.99
N VAL A 65 -18.37 -11.78 -6.40
CA VAL A 65 -17.68 -13.07 -6.42
C VAL A 65 -17.95 -13.78 -7.72
N GLY A 66 -17.18 -14.83 -7.98
CA GLY A 66 -17.32 -15.58 -9.22
C GLY A 66 -16.38 -16.76 -9.23
N GLU A 67 -16.20 -17.32 -10.43
CA GLU A 67 -15.36 -18.48 -10.68
C GLU A 67 -14.11 -18.16 -11.49
N VAL A 68 -13.04 -18.91 -11.22
CA VAL A 68 -11.82 -18.86 -12.03
C VAL A 68 -11.86 -20.08 -12.94
N LEU A 69 -11.94 -19.84 -14.24
CA LEU A 69 -12.16 -20.92 -15.19
C LEU A 69 -11.23 -20.77 -16.35
N ASP A 70 -10.92 -21.91 -16.98
CA ASP A 70 -10.26 -21.89 -18.27
C ASP A 70 -11.16 -21.10 -19.22
N ARG A 71 -10.60 -20.05 -19.82
CA ARG A 71 -11.37 -19.17 -20.70
C ARG A 71 -11.63 -19.80 -22.07
N GLY A 72 -10.90 -20.87 -22.39
CA GLY A 72 -11.08 -21.59 -23.65
C GLY A 72 -9.80 -22.09 -24.30
N ASP A 73 -8.68 -21.48 -23.93
CA ASP A 73 -7.39 -21.80 -24.53
C ASP A 73 -6.36 -22.16 -23.45
N GLU A 74 -6.84 -22.75 -22.36
CA GLU A 74 -6.03 -23.18 -21.22
C GLU A 74 -5.33 -22.00 -20.54
N VAL A 75 -5.98 -20.83 -20.57
CA VAL A 75 -5.55 -19.64 -19.82
C VAL A 75 -6.69 -19.30 -18.86
N PRO A 76 -6.39 -19.14 -17.55
CA PRO A 76 -7.46 -18.88 -16.59
C PRO A 76 -8.01 -17.46 -16.72
N SER A 77 -9.27 -17.29 -16.39
CA SER A 77 -9.86 -15.97 -16.38
C SER A 77 -10.98 -15.95 -15.34
N LEU A 78 -11.49 -14.76 -15.06
CA LEU A 78 -12.46 -14.59 -14.00
C LEU A 78 -13.83 -14.35 -14.58
N PHE A 79 -14.81 -15.11 -14.07
CA PHE A 79 -16.20 -15.02 -14.48
C PHE A 79 -17.08 -14.67 -13.26
N MET A 80 -17.54 -13.44 -13.22
CA MET A 80 -18.34 -12.93 -12.10
C MET A 80 -19.70 -13.61 -12.11
N THR A 81 -20.16 -14.01 -10.94
CA THR A 81 -21.46 -14.68 -10.77
C THR A 81 -22.46 -13.94 -9.86
N ASN A 82 -21.99 -13.03 -9.00
CA ASN A 82 -22.82 -12.50 -7.93
C ASN A 82 -22.24 -11.18 -7.47
N VAL A 83 -22.98 -10.08 -7.65
CA VAL A 83 -22.49 -8.74 -7.28
C VAL A 83 -23.47 -8.03 -6.36
N TRP A 84 -22.92 -7.39 -5.33
CA TRP A 84 -23.68 -6.57 -4.41
C TRP A 84 -23.13 -5.12 -4.38
N THR A 85 -24.02 -4.14 -4.38
CA THR A 85 -23.65 -2.72 -4.31
C THR A 85 -24.23 -2.11 -3.04
N PRO A 86 -23.37 -1.69 -2.12
CA PRO A 86 -23.85 -1.01 -0.93
C PRO A 86 -24.64 0.24 -1.26
N PRO A 87 -25.62 0.58 -0.42
CA PRO A 87 -26.49 1.72 -0.72
C PRO A 87 -25.72 3.05 -0.82
N ASN A 88 -24.72 3.19 0.04
CA ASN A 88 -23.94 4.41 0.18
C ASN A 88 -22.46 4.11 -0.10
N PRO A 89 -21.95 4.58 -1.25
CA PRO A 89 -20.54 4.34 -1.62
C PRO A 89 -19.54 5.06 -0.69
N ASN A 90 -20.01 6.05 0.08
CA ASN A 90 -19.13 6.85 0.92
C ASN A 90 -18.72 6.22 2.25
N THR A 91 -19.40 5.16 2.66
CA THR A 91 -19.29 4.71 4.06
C THR A 91 -18.65 3.34 4.25
N VAL A 92 -18.22 2.69 3.16
CA VAL A 92 -17.63 1.35 3.22
C VAL A 92 -16.13 1.46 2.92
N TYR A 93 -15.32 0.88 3.82
CA TYR A 93 -13.89 0.93 3.70
C TYR A 93 -13.24 -0.39 4.07
N HIS A 94 -12.05 -0.60 3.50
CA HIS A 94 -11.14 -1.63 3.94
C HIS A 94 -11.78 -3.02 3.97
N CYS A 95 -12.49 -3.38 2.90
CA CYS A 95 -13.02 -4.72 2.81
C CYS A 95 -11.89 -5.76 2.75
N SER A 96 -12.21 -6.94 3.25
CA SER A 96 -11.31 -8.10 3.25
C SER A 96 -12.15 -9.37 3.09
N ALA A 97 -11.67 -10.33 2.28
CA ALA A 97 -12.50 -11.50 1.91
C ALA A 97 -11.91 -12.86 2.34
N VAL A 98 -12.78 -13.76 2.80
CA VAL A 98 -12.37 -15.13 3.11
C VAL A 98 -13.43 -16.08 2.52
N TYR A 99 -12.98 -17.13 1.87
CA TYR A 99 -13.87 -18.14 1.31
C TYR A 99 -14.12 -19.29 2.30
N ASN A 100 -15.35 -19.79 2.34
CA ASN A 100 -15.63 -21.03 3.06
C ASN A 100 -16.93 -21.67 2.61
N ASN A 101 -16.85 -22.94 2.21
N ASN A 101 -16.83 -22.93 2.20
CA ASN A 101 -18.05 -23.77 1.98
CA ASN A 101 -17.97 -23.80 1.89
C ASN A 101 -19.08 -23.13 1.05
C ASN A 101 -19.05 -23.15 1.05
N GLU A 102 -18.62 -22.74 -0.13
CA GLU A 102 -19.47 -22.21 -1.21
C GLU A 102 -19.99 -20.78 -1.03
N PHE A 103 -19.40 -20.05 -0.07
CA PHE A 103 -19.65 -18.63 0.12
C PHE A 103 -18.34 -17.91 0.29
N TYR A 104 -18.32 -16.64 -0.14
CA TYR A 104 -17.34 -15.67 0.33
C TYR A 104 -17.93 -14.78 1.41
N TYR A 105 -17.12 -14.54 2.42
CA TYR A 105 -17.43 -13.65 3.51
C TYR A 105 -16.53 -12.42 3.36
N VAL A 106 -17.16 -11.25 3.27
CA VAL A 106 -16.45 -9.99 3.07
C VAL A 106 -16.69 -9.06 4.27
N LEU A 107 -15.62 -8.79 4.99
CA LEU A 107 -15.67 -7.97 6.19
C LEU A 107 -15.16 -6.57 5.89
N CYS A 108 -15.96 -5.54 6.19
CA CYS A 108 -15.61 -4.15 5.88
C CYS A 108 -15.86 -3.26 7.09
N ALA A 109 -15.18 -2.10 7.09
CA ALA A 109 -15.42 -1.03 8.05
C ALA A 109 -16.56 -0.19 7.51
N VAL A 110 -17.45 0.23 8.42
CA VAL A 110 -18.47 1.23 8.12
C VAL A 110 -18.02 2.51 8.83
N SER A 111 -17.88 3.58 8.09
CA SER A 111 -17.47 4.88 8.63
C SER A 111 -18.23 6.09 8.06
N THR A 112 -18.63 6.99 8.97
CA THR A 112 -19.21 8.31 8.57
C THR A 112 -18.23 9.48 8.73
N VAL A 113 -16.96 9.15 9.00
CA VAL A 113 -15.90 10.13 9.27
C VAL A 113 -14.71 9.99 8.30
N GLY A 114 -14.95 9.30 7.20
CA GLY A 114 -13.93 9.11 6.18
C GLY A 114 -13.14 7.86 6.49
N ASP A 115 -12.03 7.68 5.78
CA ASP A 115 -11.14 6.53 6.03
C ASP A 115 -10.77 6.44 7.49
N PRO A 116 -11.15 5.34 8.18
CA PRO A 116 -10.75 5.18 9.59
C PRO A 116 -9.25 5.37 9.90
N ILE A 117 -8.37 4.99 8.98
CA ILE A 117 -6.93 5.18 9.16
C ILE A 117 -6.55 6.67 9.36
N LEU A 118 -7.25 7.55 8.65
CA LEU A 118 -6.95 8.98 8.64
C LEU A 118 -7.78 9.78 9.64
N ASN A 119 -8.83 9.17 10.19
CA ASN A 119 -9.59 9.83 11.26
C ASN A 119 -9.96 8.83 12.33
N SER A 120 -8.92 8.19 12.87
N SER A 120 -8.91 8.22 12.88
CA SER A 120 -9.09 7.08 13.80
CA SER A 120 -9.06 7.09 13.79
C SER A 120 -9.79 7.43 15.11
C SER A 120 -9.76 7.43 15.12
N THR A 121 -9.55 8.63 15.62
CA THR A 121 -10.14 9.02 16.91
C THR A 121 -11.68 9.15 16.81
N TYR A 122 -12.17 9.60 15.65
CA TYR A 122 -13.60 9.78 15.44
C TYR A 122 -14.34 8.53 14.89
N TRP A 123 -13.62 7.58 14.32
CA TRP A 123 -14.27 6.37 13.80
C TRP A 123 -15.00 5.58 14.89
N SER A 124 -16.25 5.23 14.60
CA SER A 124 -17.11 4.46 15.50
C SER A 124 -16.61 3.07 15.84
N GLY A 125 -15.82 2.48 14.94
CA GLY A 125 -15.39 1.10 15.08
C GLY A 125 -16.36 0.10 14.48
N SER A 126 -17.37 0.61 13.76
CA SER A 126 -18.43 -0.22 13.18
C SER A 126 -17.91 -1.10 12.05
N LEU A 127 -18.33 -2.36 12.07
CA LEU A 127 -17.94 -3.34 11.07
C LEU A 127 -19.20 -3.98 10.49
N MET A 128 -19.10 -4.43 9.25
CA MET A 128 -20.18 -5.16 8.56
C MET A 128 -19.61 -6.42 7.91
N MET A 129 -20.41 -7.46 7.80
CA MET A 129 -20.01 -8.72 7.14
C MET A 129 -21.06 -9.01 6.08
N THR A 130 -20.59 -9.22 4.85
CA THR A 130 -21.45 -9.56 3.69
C THR A 130 -21.11 -10.96 3.24
N ARG A 131 -22.13 -11.82 3.09
CA ARG A 131 -21.90 -13.17 2.64
C ARG A 131 -22.52 -13.34 1.24
N LEU A 132 -21.74 -13.84 0.28
CA LEU A 132 -22.17 -13.97 -1.09
C LEU A 132 -21.93 -15.39 -1.58
N ALA A 133 -22.98 -16.01 -2.11
CA ALA A 133 -22.89 -17.34 -2.73
C ALA A 133 -22.07 -17.27 -4.00
N VAL A 134 -21.11 -18.17 -4.14
CA VAL A 134 -20.31 -18.25 -5.38
C VAL A 134 -21.13 -18.78 -6.57
N LYS A 135 -22.21 -19.50 -6.28
CA LYS A 135 -23.14 -20.04 -7.30
C LYS A 135 -24.56 -19.68 -6.88
N PRO A 136 -24.99 -18.45 -7.23
CA PRO A 136 -26.31 -18.02 -6.78
C PRO A 136 -27.44 -18.84 -7.40
N LYS A 137 -28.56 -18.87 -6.69
CA LYS A 137 -29.76 -19.60 -7.09
C LYS A 137 -30.85 -18.68 -7.60
N SER A 138 -31.67 -19.19 -8.53
CA SER A 138 -32.85 -18.47 -8.99
C SER A 138 -33.76 -18.19 -7.80
N ASN A 139 -34.08 -16.90 -7.62
CA ASN A 139 -34.86 -16.42 -6.48
C ASN A 139 -34.32 -16.97 -5.14
N GLY A 140 -33.00 -16.87 -4.98
CA GLY A 140 -32.31 -17.45 -3.82
C GLY A 140 -32.18 -16.55 -2.62
N GLY A 141 -32.70 -15.33 -2.71
CA GLY A 141 -32.83 -14.43 -1.55
C GLY A 141 -31.60 -14.33 -0.65
N GLY A 142 -31.77 -14.78 0.59
CA GLY A 142 -30.71 -14.75 1.59
C GLY A 142 -29.58 -15.74 1.36
N TYR A 143 -29.85 -16.80 0.59
CA TYR A 143 -28.78 -17.69 0.16
C TYR A 143 -27.80 -16.92 -0.71
N ASN A 144 -28.30 -16.12 -1.66
CA ASN A 144 -27.42 -15.43 -2.61
C ASN A 144 -26.60 -14.31 -1.97
N GLN A 145 -27.29 -13.50 -1.16
CA GLN A 145 -26.69 -12.29 -0.56
C GLN A 145 -27.24 -12.10 0.82
N HIS A 146 -26.36 -11.97 1.81
CA HIS A 146 -26.79 -11.86 3.19
C HIS A 146 -25.85 -10.95 3.96
N GLN A 147 -26.45 -9.99 4.68
CA GLN A 147 -25.75 -8.95 5.41
C GLN A 147 -25.82 -9.11 6.91
N LEU A 148 -24.74 -8.71 7.59
CA LEU A 148 -24.69 -8.56 9.06
C LEU A 148 -23.92 -7.30 9.46
N ALA A 149 -24.33 -6.68 10.57
CA ALA A 149 -23.49 -5.78 11.34
C ALA A 149 -22.89 -6.64 12.44
N LEU A 150 -21.59 -6.50 12.70
CA LEU A 150 -20.93 -7.29 13.73
C LEU A 150 -21.10 -6.57 15.07
N ARG A 151 -21.86 -7.15 15.98
CA ARG A 151 -22.15 -6.50 17.25
C ARG A 151 -21.06 -6.79 18.28
N SER A 152 -20.69 -8.07 18.40
N SER A 152 -20.65 -8.06 18.36
CA SER A 152 -19.72 -8.50 19.40
CA SER A 152 -19.73 -8.49 19.40
C SER A 152 -18.31 -8.51 18.82
C SER A 152 -18.29 -8.59 18.88
N ILE A 153 -17.46 -7.68 19.38
CA ILE A 153 -16.07 -7.54 18.95
C ILE A 153 -15.19 -7.60 20.19
N GLU A 154 -14.31 -8.60 20.25
CA GLU A 154 -13.36 -8.74 21.35
C GLU A 154 -12.00 -8.27 20.86
N LYS A 155 -11.49 -7.22 21.49
CA LYS A 155 -10.31 -6.47 21.05
C LYS A 155 -9.27 -6.24 22.15
N GLY A 156 -9.49 -6.83 23.32
CA GLY A 156 -8.56 -6.68 24.45
C GLY A 156 -8.22 -5.24 24.76
N ARG A 157 -6.92 -4.95 24.76
CA ARG A 157 -6.38 -3.62 25.03
C ARG A 157 -6.61 -2.59 23.94
N TYR A 158 -6.96 -3.05 22.74
CA TYR A 158 -7.09 -2.15 21.60
C TYR A 158 -8.40 -1.40 21.70
N ASP A 159 -8.36 -0.10 21.36
CA ASP A 159 -9.52 0.76 21.38
C ASP A 159 -10.53 0.38 20.30
N LYS A 160 -10.01 0.04 19.12
CA LYS A 160 -10.85 -0.41 18.01
C LYS A 160 -10.00 -1.28 17.05
N VAL A 161 -10.68 -2.07 16.25
CA VAL A 161 -10.01 -3.04 15.37
C VAL A 161 -10.72 -3.06 13.99
N MET A 162 -10.01 -3.43 12.92
CA MET A 162 -10.56 -3.27 11.58
C MET A 162 -9.92 -4.27 10.63
N PRO A 163 -10.68 -4.76 9.63
CA PRO A 163 -10.04 -5.52 8.55
C PRO A 163 -9.03 -4.62 7.84
N TYR A 164 -7.92 -5.20 7.42
CA TYR A 164 -6.84 -4.42 6.84
C TYR A 164 -5.97 -5.34 5.94
N GLY A 165 -6.51 -5.58 4.76
CA GLY A 165 -5.84 -6.33 3.71
C GLY A 165 -6.87 -7.08 2.86
N PRO A 166 -6.47 -7.50 1.65
CA PRO A 166 -7.46 -8.01 0.72
C PRO A 166 -8.15 -9.33 1.07
N SER A 167 -7.43 -10.25 1.70
CA SER A 167 -7.90 -11.62 1.78
C SER A 167 -7.25 -12.39 2.93
N GLY A 168 -7.99 -13.37 3.42
CA GLY A 168 -7.55 -14.25 4.50
C GLY A 168 -7.83 -15.74 4.24
N ILE A 169 -7.82 -16.53 5.31
CA ILE A 169 -7.94 -17.96 5.20
C ILE A 169 -9.07 -18.52 6.05
N LYS A 170 -9.49 -19.73 5.71
CA LYS A 170 -10.31 -20.52 6.64
C LYS A 170 -9.52 -21.69 7.20
N GLN A 171 -9.77 -22.01 8.46
CA GLN A 171 -9.34 -23.27 9.08
C GLN A 171 -10.58 -23.95 9.63
N GLY A 172 -11.03 -25.02 8.94
CA GLY A 172 -12.31 -25.64 9.24
C GLY A 172 -13.44 -24.65 9.05
N ASP A 173 -14.22 -24.32 10.07
N ASP A 173 -14.09 -24.34 10.17
CA ASP A 173 -15.23 -23.27 9.87
CA ASP A 173 -15.25 -23.45 10.29
C ASP A 173 -14.89 -21.98 10.64
C ASP A 173 -14.88 -21.98 10.59
N THR A 174 -13.59 -21.71 10.78
CA THR A 174 -13.14 -20.44 11.37
C THR A 174 -12.41 -19.62 10.31
N LEU A 175 -12.87 -18.38 10.13
CA LEU A 175 -12.30 -17.42 9.20
C LEU A 175 -11.30 -16.54 9.94
N TYR A 176 -10.22 -16.17 9.25
CA TYR A 176 -9.20 -15.26 9.75
C TYR A 176 -8.90 -14.25 8.64
N PHE A 177 -9.29 -13.01 8.90
CA PHE A 177 -9.09 -11.87 8.01
C PHE A 177 -7.88 -11.09 8.48
N PRO A 178 -7.04 -10.61 7.54
CA PRO A 178 -5.97 -9.71 7.95
C PRO A 178 -6.61 -8.45 8.57
N ALA A 179 -6.02 -7.92 9.63
CA ALA A 179 -6.65 -6.86 10.41
C ALA A 179 -5.62 -5.96 11.09
N VAL A 180 -6.09 -4.89 11.71
CA VAL A 180 -5.27 -3.94 12.43
C VAL A 180 -5.99 -3.53 13.73
N GLY A 181 -5.19 -3.31 14.78
CA GLY A 181 -5.65 -2.81 16.06
C GLY A 181 -5.13 -1.41 16.27
N PHE A 182 -6.02 -0.55 16.77
CA PHE A 182 -5.66 0.83 17.08
C PHE A 182 -5.44 0.86 18.61
N LEU A 183 -4.19 1.05 19.03
CA LEU A 183 -3.83 1.07 20.45
C LEU A 183 -3.44 2.48 20.83
N VAL A 184 -4.03 3.02 21.89
CA VAL A 184 -3.60 4.33 22.37
C VAL A 184 -2.08 4.34 22.58
N ARG A 185 -1.42 5.32 21.99
CA ARG A 185 0.04 5.36 21.93
C ARG A 185 0.68 5.36 23.33
N THR A 186 0.05 6.04 24.28
CA THR A 186 0.59 6.07 25.65
C THR A 186 0.52 4.70 26.34
N GLU A 187 -0.28 3.78 25.77
CA GLU A 187 -0.35 2.39 26.26
C GLU A 187 0.59 1.40 25.57
N PHE A 188 1.23 1.84 24.48
CA PHE A 188 2.10 0.99 23.69
C PHE A 188 3.38 0.65 24.48
N LYS A 189 3.70 -0.63 24.53
CA LYS A 189 4.91 -1.08 25.22
C LYS A 189 5.98 -1.36 24.19
N TYR A 190 7.05 -0.57 24.24
CA TYR A 190 8.16 -0.77 23.35
C TYR A 190 9.45 -0.36 24.03
N ASN A 191 10.43 -1.25 23.99
CA ASN A 191 11.77 -1.02 24.48
C ASN A 191 12.65 -0.42 23.37
N ASP A 192 12.96 0.87 23.46
CA ASP A 192 13.71 1.56 22.41
C ASP A 192 15.08 0.95 22.12
N SER A 193 15.62 0.20 23.10
CA SER A 193 16.86 -0.54 22.90
C SER A 193 16.74 -1.61 21.83
N ASN A 194 15.50 -2.08 21.59
CA ASN A 194 15.26 -3.05 20.53
C ASN A 194 15.20 -2.49 19.10
N CYS A 195 15.17 -1.18 18.95
CA CYS A 195 15.12 -0.60 17.62
C CYS A 195 16.48 -0.85 16.95
N PRO A 196 16.50 -1.58 15.80
CA PRO A 196 17.78 -2.02 15.21
C PRO A 196 18.54 -0.90 14.49
N ILE A 197 19.36 -0.17 15.24
CA ILE A 197 20.09 0.99 14.71
C ILE A 197 21.62 0.82 14.74
N THR A 198 22.13 -0.38 15.00
CA THR A 198 23.59 -0.51 15.19
C THR A 198 24.40 -0.23 13.90
N LYS A 199 23.76 -0.40 12.74
CA LYS A 199 24.38 -0.12 11.43
C LYS A 199 23.91 1.19 10.79
N CYS A 200 23.25 2.03 11.58
CA CYS A 200 22.57 3.23 11.07
C CYS A 200 23.00 4.50 11.79
N GLN A 201 24.05 5.14 11.28
CA GLN A 201 24.65 6.26 11.99
C GLN A 201 23.73 7.45 12.29
N TYR A 202 22.71 7.69 11.46
CA TYR A 202 21.78 8.80 11.73
C TYR A 202 20.50 8.42 12.49
N SER A 203 20.22 7.13 12.61
CA SER A 203 19.04 6.67 13.34
C SER A 203 19.15 6.86 14.85
N LYS A 204 18.01 7.13 15.49
CA LYS A 204 17.89 7.30 16.94
C LYS A 204 17.08 6.16 17.51
N PRO A 205 17.36 5.76 18.76
CA PRO A 205 16.60 4.65 19.35
C PRO A 205 15.06 4.78 19.28
N GLU A 206 14.56 6.01 19.38
CA GLU A 206 13.11 6.29 19.39
C GLU A 206 12.39 6.05 18.06
N ASN A 207 13.15 5.86 16.98
CA ASN A 207 12.58 5.93 15.63
C ASN A 207 11.55 4.85 15.43
N CYS A 208 11.81 3.64 15.92
CA CYS A 208 10.86 2.52 15.70
C CYS A 208 9.50 2.81 16.35
N ARG A 209 9.53 3.21 17.63
CA ARG A 209 8.31 3.50 18.35
C ARG A 209 7.53 4.65 17.74
N LEU A 210 8.22 5.73 17.40
CA LEU A 210 7.56 6.89 16.83
C LEU A 210 6.92 6.55 15.50
N SER A 211 7.54 5.61 14.77
CA SER A 211 7.03 5.24 13.45
CA SER A 211 7.07 5.21 13.45
C SER A 211 5.96 4.14 13.48
N MET A 212 5.46 3.80 14.69
CA MET A 212 4.38 2.81 14.77
C MET A 212 3.00 3.42 14.62
N GLY A 213 2.96 4.74 14.43
CA GLY A 213 1.74 5.45 14.10
C GLY A 213 1.94 6.29 12.85
N ILE A 214 0.83 6.77 12.28
CA ILE A 214 0.88 7.51 10.97
C ILE A 214 1.61 8.86 11.06
N ARG A 215 1.69 9.40 12.28
N ARG A 215 1.72 9.38 12.28
CA ARG A 215 2.56 10.53 12.60
CA ARG A 215 2.58 10.52 12.59
C ARG A 215 3.24 10.19 13.93
C ARG A 215 3.23 10.21 13.94
N PRO A 216 4.41 10.80 14.22
CA PRO A 216 5.11 10.51 15.49
C PRO A 216 4.37 10.81 16.80
N ASN A 217 3.48 11.78 16.76
CA ASN A 217 2.64 12.12 17.91
C ASN A 217 1.20 11.66 17.73
N SER A 218 0.96 10.66 16.87
CA SER A 218 -0.40 10.16 16.66
C SER A 218 -1.01 9.64 17.95
N HIS A 219 -2.32 9.81 18.09
CA HIS A 219 -3.03 9.32 19.25
C HIS A 219 -2.90 7.81 19.38
N TYR A 220 -3.01 7.10 18.24
CA TYR A 220 -2.90 5.64 18.20
C TYR A 220 -1.64 5.16 17.49
N ILE A 221 -1.20 3.98 17.88
CA ILE A 221 -0.30 3.19 17.05
C ILE A 221 -1.16 2.08 16.38
N LEU A 222 -0.65 1.53 15.29
CA LEU A 222 -1.34 0.51 14.49
C LEU A 222 -0.53 -0.79 14.58
N ARG A 223 -1.23 -1.87 14.90
CA ARG A 223 -0.66 -3.18 15.09
C ARG A 223 -1.43 -4.15 14.19
N SER A 224 -0.72 -4.72 13.22
CA SER A 224 -1.34 -5.75 12.35
C SER A 224 -1.68 -7.03 13.14
N GLY A 225 -2.48 -7.88 12.53
CA GLY A 225 -2.98 -9.09 13.18
C GLY A 225 -4.10 -9.69 12.37
N LEU A 226 -4.98 -10.42 13.04
CA LEU A 226 -6.08 -11.12 12.39
C LEU A 226 -7.37 -10.85 13.14
N LEU A 227 -8.48 -10.90 12.41
CA LEU A 227 -9.83 -10.97 13.00
C LEU A 227 -10.38 -12.36 12.75
N LYS A 228 -10.66 -13.05 13.85
CA LYS A 228 -11.15 -14.43 13.87
C LYS A 228 -12.67 -14.43 14.00
N TYR A 229 -13.30 -15.26 13.18
CA TYR A 229 -14.74 -15.36 13.06
C TYR A 229 -15.08 -16.84 12.88
N ASN A 230 -15.59 -17.43 13.95
CA ASN A 230 -15.88 -18.86 13.98
C ASN A 230 -17.33 -19.13 13.60
N LEU A 231 -17.52 -19.67 12.40
CA LEU A 231 -18.86 -19.85 11.83
C LEU A 231 -19.68 -20.90 12.60
N SER A 232 -19.00 -21.82 13.28
CA SER A 232 -19.68 -22.79 14.15
C SER A 232 -20.41 -22.16 15.31
N ASP A 233 -20.04 -20.92 15.67
CA ASP A 233 -20.76 -20.16 16.71
C ASP A 233 -22.25 -19.99 16.40
N GLY A 234 -22.61 -20.01 15.13
CA GLY A 234 -24.00 -19.79 14.73
C GLY A 234 -24.09 -18.66 13.74
N GLU A 235 -25.29 -18.07 13.66
CA GLU A 235 -25.58 -17.03 12.66
C GLU A 235 -24.99 -15.65 12.97
N ASN A 236 -24.62 -15.40 14.23
CA ASN A 236 -23.97 -14.16 14.61
C ASN A 236 -22.72 -14.41 15.45
N PRO A 237 -21.64 -14.95 14.84
CA PRO A 237 -20.41 -15.16 15.60
C PRO A 237 -19.83 -13.84 16.12
N LYS A 238 -19.11 -13.90 17.24
CA LYS A 238 -18.27 -12.77 17.63
C LYS A 238 -17.09 -12.66 16.66
N VAL A 239 -16.45 -11.51 16.63
CA VAL A 239 -15.14 -11.38 15.98
C VAL A 239 -14.09 -11.06 17.05
N VAL A 240 -12.90 -11.68 16.95
CA VAL A 240 -11.86 -11.61 17.96
C VAL A 240 -10.53 -11.19 17.31
N PHE A 241 -9.96 -10.11 17.81
CA PHE A 241 -8.67 -9.63 17.29
C PHE A 241 -7.54 -10.47 17.87
N ILE A 242 -6.57 -10.72 17.01
CA ILE A 242 -5.36 -11.39 17.39
C ILE A 242 -4.09 -10.74 16.89
N GLU A 243 -3.19 -10.22 17.75
CA GLU A 243 -2.26 -9.13 17.40
C GLU A 243 -1.17 -10.05 16.68
N ILE A 244 -0.49 -9.63 15.63
CA ILE A 244 0.92 -10.00 15.38
C ILE A 244 1.96 -9.93 16.48
N SER A 245 2.87 -10.92 16.48
CA SER A 245 3.96 -10.87 17.46
C SER A 245 4.87 -9.69 17.18
N ASP A 246 5.71 -9.35 18.15
CA ASP A 246 6.57 -8.19 18.02
C ASP A 246 7.92 -8.46 17.33
N GLN A 247 8.12 -9.66 16.79
CA GLN A 247 9.33 -9.91 16.01
C GLN A 247 9.25 -9.16 14.69
N ARG A 248 10.28 -8.37 14.40
N ARG A 248 10.27 -8.34 14.42
CA ARG A 248 10.32 -7.50 13.22
CA ARG A 248 10.33 -7.53 13.22
C ARG A 248 9.01 -6.75 13.06
C ARG A 248 9.07 -6.69 13.06
N LEU A 249 8.62 -6.11 14.15
CA LEU A 249 7.45 -5.24 14.17
C LEU A 249 7.59 -4.03 13.23
N SER A 250 6.54 -3.78 12.44
CA SER A 250 6.43 -2.62 11.58
C SER A 250 5.01 -2.06 11.74
N ILE A 251 4.79 -0.78 11.40
CA ILE A 251 3.45 -0.20 11.55
C ILE A 251 2.39 -1.10 10.89
N GLY A 252 1.27 -1.34 11.61
CA GLY A 252 0.09 -1.97 11.07
C GLY A 252 -0.22 -1.40 9.71
N SER A 253 -0.38 -2.31 8.75
CA SER A 253 -0.50 -1.96 7.36
C SER A 253 -1.27 -3.07 6.65
N PRO A 254 -1.76 -2.79 5.43
CA PRO A 254 -2.53 -3.81 4.75
C PRO A 254 -1.71 -5.09 4.59
N SER A 255 -2.35 -6.21 4.95
CA SER A 255 -1.70 -7.52 5.05
C SER A 255 -2.54 -8.59 4.44
N LYS A 256 -2.04 -9.82 4.46
CA LYS A 256 -2.74 -10.92 3.82
C LYS A 256 -2.26 -12.19 4.42
N ILE A 257 -3.19 -13.09 4.70
CA ILE A 257 -2.85 -14.47 5.09
C ILE A 257 -3.47 -15.39 4.05
N TYR A 258 -2.66 -16.33 3.53
CA TYR A 258 -3.12 -17.21 2.48
C TYR A 258 -2.58 -18.61 2.64
N ASP A 259 -3.33 -19.57 2.11
CA ASP A 259 -2.88 -20.94 2.11
C ASP A 259 -2.01 -21.14 0.86
N SER A 260 -0.85 -21.74 1.04
CA SER A 260 -0.10 -22.22 -0.09
C SER A 260 0.52 -23.57 0.21
N LEU A 261 0.26 -24.56 -0.63
CA LEU A 261 0.90 -25.90 -0.49
C LEU A 261 0.81 -26.47 0.93
N GLY A 262 -0.37 -26.39 1.53
CA GLY A 262 -0.63 -27.01 2.83
C GLY A 262 -0.39 -26.24 4.13
N GLN A 263 0.11 -25.01 4.06
N GLN A 263 0.09 -25.00 4.06
CA GLN A 263 0.38 -24.19 5.26
CA GLN A 263 0.25 -24.22 5.28
C GLN A 263 0.02 -22.74 4.96
C GLN A 263 0.12 -22.73 5.01
N PRO A 264 -0.42 -21.99 5.99
CA PRO A 264 -0.60 -20.55 5.75
C PRO A 264 0.69 -19.73 5.73
N VAL A 265 0.63 -18.64 4.97
CA VAL A 265 1.73 -17.71 4.79
C VAL A 265 1.12 -16.33 5.05
N PHE A 266 1.90 -15.45 5.67
CA PHE A 266 1.46 -14.07 5.94
C PHE A 266 2.38 -13.09 5.21
N TYR A 267 1.80 -12.04 4.65
CA TYR A 267 2.48 -10.94 3.98
C TYR A 267 1.95 -9.66 4.69
N GLN A 268 2.87 -8.77 5.04
CA GLN A 268 2.53 -7.43 5.55
C GLN A 268 3.19 -6.34 4.68
N ALA A 269 2.41 -5.38 4.21
CA ALA A 269 3.01 -4.30 3.41
C ALA A 269 3.99 -3.50 4.26
N SER A 270 5.03 -3.00 3.61
CA SER A 270 6.05 -2.22 4.25
C SER A 270 5.67 -0.75 4.12
N PHE A 271 4.93 -0.25 5.08
CA PHE A 271 4.51 1.13 5.06
C PHE A 271 5.35 2.06 5.94
N SER A 272 6.52 1.60 6.38
N SER A 272 6.52 1.60 6.35
CA SER A 272 7.46 2.50 7.06
CA SER A 272 7.45 2.43 7.11
C SER A 272 8.90 2.19 6.63
C SER A 272 8.90 2.19 6.63
N TRP A 273 9.83 2.14 7.58
CA TRP A 273 11.29 2.14 7.29
C TRP A 273 11.86 0.77 6.92
N ASP A 274 11.15 -0.28 7.28
CA ASP A 274 11.59 -1.65 7.02
C ASP A 274 11.04 -2.00 5.64
N THR A 275 11.77 -1.62 4.60
CA THR A 275 11.25 -1.64 3.21
C THR A 275 11.49 -2.91 2.42
N MET A 276 12.17 -3.87 3.04
CA MET A 276 12.38 -5.17 2.40
C MET A 276 11.14 -6.01 2.67
N ILE A 277 10.86 -6.95 1.78
CA ILE A 277 9.58 -7.70 1.88
C ILE A 277 9.41 -8.40 3.22
N LYS A 278 8.23 -8.21 3.81
N LYS A 278 8.24 -8.23 3.82
CA LYS A 278 7.82 -8.83 5.04
CA LYS A 278 7.90 -8.85 5.09
C LYS A 278 6.83 -9.94 4.71
C LYS A 278 6.86 -9.93 4.82
N PHE A 279 7.31 -11.17 4.72
CA PHE A 279 6.40 -12.30 4.56
C PHE A 279 7.04 -13.57 5.07
N GLY A 280 6.23 -14.59 5.28
CA GLY A 280 6.76 -15.87 5.72
C GLY A 280 5.71 -16.83 6.15
N ASP A 281 6.11 -18.08 6.34
CA ASP A 281 5.17 -19.09 6.85
C ASP A 281 4.68 -18.69 8.24
N VAL A 282 3.40 -18.94 8.46
CA VAL A 282 2.78 -18.77 9.76
C VAL A 282 3.16 -19.97 10.66
N LEU A 283 3.92 -19.70 11.72
N LEU A 283 3.92 -19.69 11.72
CA LEU A 283 4.25 -20.74 12.72
CA LEU A 283 4.26 -20.72 12.72
C LEU A 283 3.00 -21.11 13.51
C LEU A 283 3.04 -21.11 13.57
N THR A 284 2.34 -20.10 14.08
CA THR A 284 1.06 -20.31 14.78
C THR A 284 0.08 -19.20 14.37
N VAL A 285 -1.18 -19.57 14.19
CA VAL A 285 -2.24 -18.58 13.88
C VAL A 285 -2.64 -17.77 15.10
N ASN A 286 -2.76 -18.45 16.26
CA ASN A 286 -3.22 -17.79 17.46
C ASN A 286 -2.43 -18.38 18.62
N PRO A 287 -1.49 -17.61 19.19
CA PRO A 287 -1.12 -16.24 18.87
C PRO A 287 -0.43 -16.20 17.51
N LEU A 288 -0.48 -15.06 16.83
CA LEU A 288 0.05 -14.99 15.49
C LEU A 288 1.55 -14.80 15.54
N VAL A 289 2.26 -15.79 15.05
CA VAL A 289 3.72 -15.69 14.86
C VAL A 289 4.06 -16.05 13.42
N VAL A 290 4.89 -15.21 12.80
CA VAL A 290 5.27 -15.33 11.41
C VAL A 290 6.78 -15.51 11.36
N ASN A 291 7.23 -16.54 10.66
CA ASN A 291 8.65 -16.80 10.46
C ASN A 291 9.11 -16.02 9.26
N TRP A 292 9.34 -14.72 9.49
CA TRP A 292 9.64 -13.79 8.42
C TRP A 292 10.90 -14.24 7.66
N ARG A 293 10.82 -14.18 6.33
CA ARG A 293 11.97 -14.43 5.45
C ARG A 293 13.03 -13.35 5.68
N ASN A 294 14.29 -13.77 5.65
CA ASN A 294 15.39 -12.84 5.51
C ASN A 294 15.67 -12.58 4.04
N ASN A 295 14.78 -11.81 3.44
CA ASN A 295 14.81 -11.55 2.01
C ASN A 295 15.56 -10.24 1.76
N THR A 296 16.59 -10.32 0.93
CA THR A 296 17.47 -9.18 0.66
C THR A 296 17.30 -8.58 -0.75
N VAL A 297 16.28 -8.99 -1.50
CA VAL A 297 16.17 -8.58 -2.90
C VAL A 297 14.86 -7.90 -3.33
N ILE A 298 13.77 -8.06 -2.58
CA ILE A 298 12.46 -7.48 -2.93
C ILE A 298 12.13 -6.32 -2.01
N SER A 299 11.83 -5.18 -2.62
CA SER A 299 11.45 -3.99 -1.89
C SER A 299 10.36 -3.28 -2.68
N ARG A 300 10.10 -2.02 -2.33
CA ARG A 300 9.06 -1.24 -2.98
C ARG A 300 9.45 0.22 -2.94
N PRO A 301 8.85 1.01 -3.83
CA PRO A 301 9.07 2.45 -3.80
C PRO A 301 8.49 3.10 -2.55
N GLY A 302 9.22 4.09 -2.04
CA GLY A 302 8.74 4.90 -0.95
C GLY A 302 8.83 6.35 -1.33
N GLN A 303 8.96 7.21 -0.36
CA GLN A 303 9.29 8.61 -0.70
C GLN A 303 10.71 8.90 -0.19
N SER A 304 10.98 10.14 0.24
N SER A 304 11.00 10.13 0.22
CA SER A 304 12.36 10.55 0.48
CA SER A 304 12.41 10.50 0.44
C SER A 304 12.99 9.86 1.67
C SER A 304 13.02 9.87 1.70
N GLN A 305 12.24 9.74 2.76
CA GLN A 305 12.76 9.24 4.02
C GLN A 305 12.95 7.73 4.03
N CYS A 306 12.00 7.04 3.39
CA CYS A 306 11.94 5.57 3.38
C CYS A 306 11.76 5.00 1.97
N PRO A 307 12.75 5.28 1.10
CA PRO A 307 12.66 4.86 -0.27
C PRO A 307 12.96 3.38 -0.40
N ARG A 308 12.88 2.86 -1.62
CA ARG A 308 13.22 1.47 -1.89
C ARG A 308 14.61 1.13 -1.34
N PHE A 309 14.69 -0.05 -0.77
CA PHE A 309 15.90 -0.61 -0.16
C PHE A 309 16.33 -0.04 1.19
N ASN A 310 15.59 0.92 1.73
CA ASN A 310 15.88 1.40 3.07
C ASN A 310 15.75 0.30 4.11
N THR A 311 16.71 0.24 5.04
CA THR A 311 16.63 -0.71 6.16
C THR A 311 16.82 -0.09 7.53
N CYS A 312 17.23 1.17 7.57
CA CYS A 312 17.48 1.86 8.82
C CYS A 312 16.22 2.49 9.38
N PRO A 313 15.98 2.31 10.67
CA PRO A 313 14.86 2.99 11.32
C PRO A 313 14.79 4.52 11.08
N GLU A 314 13.61 4.98 10.64
CA GLU A 314 13.31 6.35 10.29
C GLU A 314 11.87 6.54 10.75
N ILE A 315 11.47 7.79 10.94
CA ILE A 315 10.10 8.16 11.22
C ILE A 315 9.44 8.47 9.89
N CYS A 316 8.60 7.54 9.45
CA CYS A 316 7.98 7.66 8.13
C CYS A 316 6.75 6.73 8.04
N TRP A 317 5.81 7.12 7.17
CA TRP A 317 4.66 6.33 6.88
C TRP A 317 4.40 6.51 5.41
N GLU A 318 4.82 5.51 4.62
CA GLU A 318 4.81 5.60 3.16
C GLU A 318 5.16 4.24 2.56
N GLY A 319 4.72 4.01 1.33
CA GLY A 319 4.98 2.75 0.64
C GLY A 319 3.81 2.33 -0.23
N VAL A 320 3.90 1.11 -0.73
CA VAL A 320 2.90 0.51 -1.62
CA VAL A 320 2.85 0.52 -1.56
C VAL A 320 2.69 -0.96 -1.20
N TYR A 321 1.45 -1.45 -1.29
CA TYR A 321 1.14 -2.89 -1.10
C TYR A 321 1.40 -3.64 -2.42
N ASN A 322 2.38 -4.53 -2.41
CA ASN A 322 2.79 -5.37 -3.55
C ASN A 322 3.05 -6.76 -3.00
N ASP A 323 2.04 -7.61 -2.96
CA ASP A 323 2.21 -8.88 -2.24
C ASP A 323 2.92 -9.96 -3.06
N ALA A 324 3.27 -11.06 -2.39
CA ALA A 324 4.01 -12.15 -3.01
C ALA A 324 3.37 -13.44 -2.59
N PHE A 325 3.31 -14.38 -3.53
CA PHE A 325 2.61 -15.66 -3.34
C PHE A 325 3.64 -16.80 -3.48
N LEU A 326 3.80 -17.54 -2.38
CA LEU A 326 4.62 -18.76 -2.35
C LEU A 326 4.15 -19.80 -3.40
N ILE A 327 5.05 -20.21 -4.28
CA ILE A 327 4.72 -21.22 -5.33
C ILE A 327 5.48 -22.56 -5.20
N ASP A 328 6.50 -22.58 -4.35
CA ASP A 328 7.29 -23.79 -4.05
C ASP A 328 7.80 -23.67 -2.61
N ARG A 329 7.25 -24.44 -1.67
CA ARG A 329 7.66 -24.30 -0.27
C ARG A 329 9.01 -24.96 -0.01
N ILE A 330 9.23 -26.14 -0.58
CA ILE A 330 10.48 -26.87 -0.35
C ILE A 330 11.72 -26.01 -0.68
N ASN A 331 11.66 -25.32 -1.82
CA ASN A 331 12.73 -24.44 -2.25
C ASN A 331 12.51 -22.93 -1.93
N TRP A 332 11.38 -22.62 -1.28
CA TRP A 332 10.95 -21.24 -0.90
C TRP A 332 11.07 -20.21 -2.03
N ILE A 333 10.34 -20.50 -3.09
CA ILE A 333 10.27 -19.63 -4.27
C ILE A 333 8.86 -18.99 -4.31
N SER A 334 8.82 -17.71 -4.62
CA SER A 334 7.58 -16.93 -4.61
C SER A 334 7.48 -16.04 -5.86
N ALA A 335 6.27 -15.54 -6.08
CA ALA A 335 5.96 -14.67 -7.21
C ALA A 335 5.12 -13.47 -6.78
N GLY A 336 5.40 -12.34 -7.40
CA GLY A 336 4.58 -11.15 -7.24
C GLY A 336 4.92 -10.11 -8.27
N VAL A 337 4.16 -9.02 -8.25
CA VAL A 337 4.42 -7.90 -9.13
C VAL A 337 4.93 -6.73 -8.32
N PHE A 338 6.15 -6.32 -8.64
CA PHE A 338 6.85 -5.29 -7.92
C PHE A 338 7.11 -4.08 -8.82
N LEU A 339 7.20 -2.92 -8.19
CA LEU A 339 7.38 -1.67 -8.92
C LEU A 339 8.86 -1.33 -8.96
N ASP A 340 9.42 -1.37 -10.15
CA ASP A 340 10.87 -1.23 -10.30
C ASP A 340 11.24 0.25 -10.35
N SER A 341 11.14 0.89 -9.19
CA SER A 341 11.40 2.32 -9.01
C SER A 341 11.69 2.60 -7.56
N ASN A 342 12.54 3.60 -7.29
CA ASN A 342 12.92 3.90 -5.90
C ASN A 342 11.87 4.69 -5.14
N GLN A 343 11.24 5.65 -5.82
CA GLN A 343 10.30 6.60 -5.16
C GLN A 343 9.03 6.91 -5.96
N THR A 344 8.87 6.33 -7.13
CA THR A 344 7.69 6.56 -7.97
C THR A 344 6.90 5.26 -8.13
N ALA A 345 5.60 5.40 -8.31
CA ALA A 345 4.68 4.28 -8.56
C ALA A 345 4.69 3.97 -10.06
N GLU A 346 5.74 3.28 -10.54
CA GLU A 346 5.94 3.03 -11.96
C GLU A 346 6.52 1.63 -12.20
N ASN A 347 6.34 1.16 -13.43
CA ASN A 347 7.09 0.02 -13.98
C ASN A 347 6.83 -1.30 -13.26
N PRO A 348 5.61 -1.86 -13.42
CA PRO A 348 5.31 -3.12 -12.76
C PRO A 348 6.04 -4.30 -13.43
N VAL A 349 6.65 -5.13 -12.61
CA VAL A 349 7.41 -6.25 -13.11
C VAL A 349 6.99 -7.52 -12.37
N PHE A 350 6.51 -8.51 -13.11
CA PHE A 350 6.22 -9.83 -12.50
C PHE A 350 7.53 -10.55 -12.23
N THR A 351 7.73 -10.97 -10.98
CA THR A 351 9.04 -11.41 -10.50
C THR A 351 8.92 -12.73 -9.74
N VAL A 352 9.77 -13.71 -10.08
CA VAL A 352 9.85 -14.96 -9.37
C VAL A 352 11.22 -14.93 -8.63
N PHE A 353 11.20 -15.23 -7.34
CA PHE A 353 12.36 -14.97 -6.49
C PHE A 353 12.47 -15.90 -5.29
N LYS A 354 13.70 -16.02 -4.82
CA LYS A 354 14.05 -16.64 -3.54
C LYS A 354 14.49 -15.53 -2.60
N ASP A 355 14.85 -15.89 -1.36
CA ASP A 355 15.26 -14.91 -0.35
C ASP A 355 16.36 -13.96 -0.85
N ASN A 356 17.39 -14.50 -1.50
CA ASN A 356 18.57 -13.72 -1.86
C ASN A 356 18.85 -13.61 -3.35
N GLU A 357 17.85 -13.93 -4.15
CA GLU A 357 18.04 -14.00 -5.57
C GLU A 357 16.74 -13.84 -6.32
N ILE A 358 16.71 -12.93 -7.28
CA ILE A 358 15.62 -12.93 -8.25
C ILE A 358 15.95 -13.96 -9.36
N LEU A 359 15.02 -14.84 -9.64
CA LEU A 359 15.24 -15.96 -10.57
C LEU A 359 14.96 -15.51 -12.00
N TYR A 360 13.76 -14.97 -12.22
CA TYR A 360 13.41 -14.47 -13.53
C TYR A 360 12.23 -13.52 -13.41
N ARG A 361 12.05 -12.68 -14.41
CA ARG A 361 11.07 -11.62 -14.35
C ARG A 361 10.52 -11.25 -15.73
N ALA A 362 9.41 -10.52 -15.70
CA ALA A 362 8.82 -9.99 -16.92
C ALA A 362 8.20 -8.63 -16.64
N GLN A 363 8.70 -7.62 -17.32
CA GLN A 363 8.04 -6.31 -17.35
C GLN A 363 6.62 -6.44 -17.91
N LEU A 364 5.63 -5.91 -17.19
CA LEU A 364 4.23 -6.06 -17.58
C LEU A 364 3.79 -4.99 -18.59
N ALA A 365 4.48 -3.86 -18.60
CA ALA A 365 4.11 -2.70 -19.42
C ALA A 365 5.41 -1.96 -19.84
N SER A 366 5.45 -0.63 -19.79
CA SER A 366 6.65 0.14 -20.08
C SER A 366 7.28 0.60 -18.79
N GLU A 367 8.49 1.13 -18.91
CA GLU A 367 9.25 1.68 -17.79
CA GLU A 367 9.24 1.66 -17.77
C GLU A 367 8.56 2.89 -17.16
N ASP A 368 7.84 3.65 -17.98
CA ASP A 368 7.11 4.83 -17.51
C ASP A 368 5.59 4.62 -17.33
N THR A 369 5.15 3.37 -17.38
CA THR A 369 3.77 3.05 -17.08
C THR A 369 3.58 3.23 -15.58
N ASN A 370 2.48 3.86 -15.21
CA ASN A 370 2.15 4.07 -13.80
C ASN A 370 1.51 2.80 -13.20
N ALA A 371 1.93 2.43 -12.01
CA ALA A 371 1.30 1.30 -11.33
C ALA A 371 1.44 1.41 -9.82
N GLN A 372 0.53 0.80 -9.08
CA GLN A 372 0.48 1.05 -7.65
C GLN A 372 0.23 -0.29 -6.94
N LYS A 373 -0.93 -0.50 -6.33
CA LYS A 373 -1.18 -1.75 -5.60
C LYS A 373 -1.17 -2.96 -6.54
N THR A 374 -0.55 -4.05 -6.05
CA THR A 374 -0.59 -5.31 -6.77
C THR A 374 -0.94 -6.46 -5.81
N ILE A 375 -1.77 -7.37 -6.31
CA ILE A 375 -2.32 -8.49 -5.51
C ILE A 375 -2.22 -9.75 -6.36
N THR A 376 -1.37 -10.66 -5.94
CA THR A 376 -1.06 -11.86 -6.71
C THR A 376 -1.56 -13.10 -5.94
N ASN A 377 -2.21 -14.02 -6.66
CA ASN A 377 -2.64 -15.32 -6.13
C ASN A 377 -2.29 -16.40 -7.17
N CYS A 378 -1.75 -17.52 -6.72
CA CYS A 378 -1.39 -18.61 -7.64
C CYS A 378 -2.13 -19.90 -7.31
N PHE A 379 -2.29 -20.72 -8.34
CA PHE A 379 -3.16 -21.89 -8.25
C PHE A 379 -2.88 -22.81 -9.42
N LEU A 380 -3.51 -23.99 -9.43
CA LEU A 380 -3.37 -24.92 -10.56
C LEU A 380 -4.52 -24.79 -11.54
N LEU A 381 -4.19 -24.75 -12.82
CA LEU A 381 -5.17 -24.90 -13.90
C LEU A 381 -4.68 -26.02 -14.78
N LYS A 382 -5.51 -27.06 -14.91
CA LYS A 382 -5.15 -28.25 -15.69
C LYS A 382 -3.69 -28.64 -15.49
N ASN A 383 -3.33 -28.85 -14.22
CA ASN A 383 -2.03 -29.37 -13.82
C ASN A 383 -0.86 -28.40 -13.91
N LYS A 384 -1.12 -27.15 -14.27
CA LYS A 384 -0.06 -26.16 -14.43
C LYS A 384 -0.24 -25.04 -13.42
N ILE A 385 0.88 -24.55 -12.89
CA ILE A 385 0.89 -23.43 -11.93
C ILE A 385 0.70 -22.14 -12.68
N TRP A 386 -0.38 -21.44 -12.33
CA TRP A 386 -0.66 -20.13 -12.88
C TRP A 386 -0.76 -19.12 -11.74
N CYS A 387 -0.38 -17.88 -12.04
CA CYS A 387 -0.66 -16.77 -11.13
C CYS A 387 -1.53 -15.74 -11.82
N ILE A 388 -2.48 -15.15 -11.08
CA ILE A 388 -3.22 -14.00 -11.59
C ILE A 388 -2.87 -12.85 -10.68
N SER A 389 -2.47 -11.75 -11.29
CA SER A 389 -2.10 -10.53 -10.56
C SER A 389 -3.03 -9.37 -10.97
N LEU A 390 -3.71 -8.79 -10.00
CA LEU A 390 -4.40 -7.50 -10.18
C LEU A 390 -3.35 -6.40 -10.03
N VAL A 391 -3.31 -5.48 -10.99
CA VAL A 391 -2.35 -4.40 -10.97
C VAL A 391 -3.07 -3.07 -11.21
N GLU A 392 -3.01 -2.16 -10.24
CA GLU A 392 -3.44 -0.80 -10.45
C GLU A 392 -2.46 -0.27 -11.46
N ILE A 393 -2.98 0.32 -12.54
CA ILE A 393 -2.13 0.60 -13.72
C ILE A 393 -2.78 1.63 -14.61
N TYR A 394 -1.97 2.52 -15.17
CA TYR A 394 -2.42 3.31 -16.32
C TYR A 394 -1.26 3.95 -17.02
N ASP A 395 -1.49 4.38 -18.25
CA ASP A 395 -0.46 5.14 -18.96
C ASP A 395 -0.94 6.56 -19.12
N THR A 396 0.00 7.49 -19.06
CA THR A 396 -0.25 8.91 -19.29
C THR A 396 -1.11 9.12 -20.53
N GLY A 397 -2.18 9.89 -20.35
CA GLY A 397 -3.15 10.20 -21.40
C GLY A 397 -4.45 9.39 -21.34
N ASP A 398 -4.47 8.29 -20.58
CA ASP A 398 -5.67 7.48 -20.43
C ASP A 398 -6.76 8.28 -19.72
N ASN A 399 -7.99 8.27 -20.25
CA ASN A 399 -9.10 9.02 -19.65
C ASN A 399 -9.83 8.24 -18.55
N VAL A 400 -9.54 6.95 -18.42
CA VAL A 400 -10.14 6.14 -17.37
C VAL A 400 -9.01 5.34 -16.73
N ILE A 401 -8.94 5.36 -15.41
CA ILE A 401 -7.92 4.58 -14.72
C ILE A 401 -8.64 3.39 -14.10
N ARG A 402 -8.19 2.18 -14.43
CA ARG A 402 -8.69 1.01 -13.80
C ARG A 402 -7.72 -0.14 -13.84
N PRO A 403 -7.73 -0.96 -12.78
CA PRO A 403 -6.76 -2.03 -12.72
C PRO A 403 -6.84 -3.02 -13.88
N LYS A 404 -5.73 -3.67 -14.15
CA LYS A 404 -5.70 -4.75 -15.12
C LYS A 404 -5.35 -6.07 -14.42
N LEU A 405 -5.81 -7.17 -15.01
CA LEU A 405 -5.55 -8.51 -14.50
C LEU A 405 -4.59 -9.19 -15.45
N PHE A 406 -3.51 -9.74 -14.91
CA PHE A 406 -2.52 -10.45 -15.71
C PHE A 406 -2.46 -11.89 -15.25
N ALA A 407 -2.54 -12.81 -16.19
CA ALA A 407 -2.33 -14.25 -15.91
C ALA A 407 -0.94 -14.67 -16.39
N VAL A 408 -0.20 -15.34 -15.53
CA VAL A 408 1.17 -15.72 -15.86
C VAL A 408 1.38 -17.16 -15.45
N LYS A 409 1.66 -18.01 -16.44
CA LYS A 409 1.98 -19.41 -16.19
C LYS A 409 3.42 -19.50 -15.75
N ILE A 410 3.67 -20.27 -14.71
CA ILE A 410 5.03 -20.41 -14.23
C ILE A 410 5.70 -21.48 -15.09
N PRO A 411 6.82 -21.12 -15.74
CA PRO A 411 7.45 -22.04 -16.69
C PRO A 411 8.02 -23.30 -16.00
N GLU A 412 7.91 -24.44 -16.66
CA GLU A 412 8.50 -25.67 -16.13
C GLU A 412 9.99 -25.79 -16.44
N GLN A 413 10.38 -25.33 -17.63
CA GLN A 413 11.78 -25.35 -18.04
C GLN A 413 12.37 -23.94 -18.09
N CYS A 414 13.69 -23.84 -18.02
CA CYS A 414 14.36 -22.56 -17.95
C CYS A 414 14.82 -22.08 -19.32
N THR A 415 14.57 -22.91 -20.34
CA THR A 415 15.06 -22.67 -21.70
C THR A 415 14.19 -21.63 -22.41
N HIS A 416 14.83 -20.73 -23.16
CA HIS A 416 14.21 -19.50 -23.67
C HIS A 416 12.84 -19.71 -24.31
N ILE B 1 8.89 13.68 -19.53
CA ILE B 1 10.24 14.26 -19.50
C ILE B 1 10.77 14.30 -18.07
N VAL B 2 12.08 14.08 -17.94
CA VAL B 2 12.76 14.28 -16.66
C VAL B 2 13.17 15.74 -16.60
N LEU B 3 12.57 16.48 -15.68
CA LEU B 3 12.82 17.91 -15.51
C LEU B 3 14.18 18.11 -14.83
N GLU B 4 14.76 19.28 -14.98
CA GLU B 4 16.05 19.57 -14.35
C GLU B 4 15.88 19.47 -12.82
N PRO B 5 16.76 18.70 -12.13
CA PRO B 5 16.68 18.65 -10.67
C PRO B 5 16.81 20.00 -9.99
N ILE B 6 16.09 20.16 -8.89
CA ILE B 6 16.08 21.39 -8.10
C ILE B 6 16.92 21.16 -6.86
N TYR B 7 17.96 21.97 -6.71
CA TYR B 7 18.84 21.91 -5.56
C TYR B 7 18.32 22.82 -4.46
N TRP B 8 17.94 22.22 -3.35
CA TRP B 8 17.37 22.93 -2.23
C TRP B 8 18.47 23.50 -1.32
N ASN B 9 18.97 24.67 -1.71
CA ASN B 9 20.03 25.35 -1.00
C ASN B 9 20.06 26.81 -1.33
N SER B 10 20.55 27.65 -0.43
CA SER B 10 20.08 29.02 -0.33
C SER B 10 20.90 29.73 -1.49
N SER B 11 21.93 29.07 -2.02
CA SER B 11 22.74 29.66 -3.14
C SER B 11 22.04 29.61 -4.51
N ASN B 12 20.97 28.84 -4.58
CA ASN B 12 20.27 28.65 -5.83
C ASN B 12 19.53 29.92 -6.32
N SER B 13 20.05 30.51 -7.39
CA SER B 13 19.50 31.70 -8.03
C SER B 13 18.12 31.48 -8.63
N LYS B 14 17.72 30.23 -8.80
CA LYS B 14 16.38 29.94 -9.32
C LYS B 14 15.29 30.31 -8.32
N PHE B 15 15.60 30.39 -7.02
CA PHE B 15 14.64 30.98 -6.07
C PHE B 15 14.68 32.51 -6.19
N LEU B 16 13.80 33.01 -7.05
CA LEU B 16 13.76 34.45 -7.32
C LEU B 16 13.20 35.17 -6.09
N PRO B 17 13.79 36.33 -5.74
CA PRO B 17 13.42 36.98 -4.49
C PRO B 17 11.94 37.29 -4.32
N GLY B 18 11.22 37.59 -5.39
CA GLY B 18 9.77 37.89 -5.20
C GLY B 18 8.86 36.69 -5.18
N GLN B 19 9.08 35.80 -6.14
CA GLN B 19 8.10 34.77 -6.47
C GLN B 19 8.59 33.34 -6.15
N GLY B 20 9.83 33.21 -5.70
CA GLY B 20 10.41 31.88 -5.53
C GLY B 20 10.70 31.21 -6.86
N LEU B 21 10.70 29.89 -6.86
CA LEU B 21 10.97 29.11 -8.06
C LEU B 21 9.63 28.66 -8.68
N VAL B 22 9.31 29.17 -9.87
CA VAL B 22 8.06 28.82 -10.53
C VAL B 22 8.32 27.85 -11.70
N LEU B 23 7.61 26.73 -11.72
N LEU B 23 7.54 26.76 -11.70
CA LEU B 23 7.73 25.83 -12.85
CA LEU B 23 7.69 25.64 -12.65
C LEU B 23 6.38 25.33 -13.31
C LEU B 23 6.35 25.34 -13.30
N TYR B 24 6.40 24.83 -14.53
CA TYR B 24 5.22 24.35 -15.24
C TYR B 24 5.38 22.88 -15.64
N PRO B 25 5.35 21.98 -14.64
CA PRO B 25 5.49 20.56 -14.97
C PRO B 25 4.24 20.04 -15.67
N GLN B 26 4.45 19.10 -16.60
CA GLN B 26 3.33 18.47 -17.28
C GLN B 26 3.07 17.11 -16.66
N ILE B 27 1.83 16.65 -16.75
CA ILE B 27 1.44 15.33 -16.27
C ILE B 27 2.33 14.31 -16.98
N GLY B 28 2.88 13.38 -16.20
CA GLY B 28 3.85 12.40 -16.69
C GLY B 28 5.32 12.76 -16.55
N ASP B 29 5.62 14.03 -16.27
CA ASP B 29 6.97 14.47 -16.04
C ASP B 29 7.46 13.99 -14.65
N LYS B 30 8.78 14.01 -14.47
CA LYS B 30 9.43 13.69 -13.22
C LYS B 30 10.42 14.75 -12.82
N LEU B 31 10.56 14.92 -11.51
CA LEU B 31 11.39 15.97 -10.92
C LEU B 31 12.03 15.46 -9.65
N ASP B 32 13.33 15.72 -9.50
CA ASP B 32 14.05 15.48 -8.24
C ASP B 32 14.25 16.82 -7.53
N ILE B 33 14.08 16.80 -6.21
CA ILE B 33 14.43 17.93 -5.34
C ILE B 33 15.45 17.35 -4.37
N ILE B 34 16.62 17.96 -4.31
CA ILE B 34 17.76 17.38 -3.64
C ILE B 34 18.37 18.39 -2.67
N CYS B 35 18.63 17.94 -1.44
CA CYS B 35 19.44 18.70 -0.50
C CYS B 35 20.85 18.17 -0.60
N PRO B 36 21.77 18.99 -1.11
CA PRO B 36 23.13 18.53 -1.35
C PRO B 36 23.92 18.35 -0.04
N LYS B 37 24.67 17.26 0.02
CA LYS B 37 25.66 17.06 1.08
C LYS B 37 26.72 18.15 1.12
N VAL B 38 27.32 18.30 2.30
CA VAL B 38 28.34 19.29 2.55
C VAL B 38 29.61 18.78 1.91
N ASP B 39 30.41 19.69 1.37
CA ASP B 39 31.59 19.32 0.60
C ASP B 39 32.81 20.11 1.09
N VAL B 43 32.60 24.40 0.14
CA VAL B 43 32.49 25.84 -0.06
C VAL B 43 31.82 26.52 1.13
N GLY B 44 30.65 26.03 1.53
CA GLY B 44 29.93 26.54 2.71
C GLY B 44 29.47 25.37 3.57
N GLN B 45 28.89 25.66 4.74
CA GLN B 45 28.46 24.60 5.63
C GLN B 45 27.06 24.08 5.34
N TYR B 46 26.73 22.93 5.91
CA TYR B 46 25.47 22.25 5.58
C TYR B 46 24.29 23.10 5.97
N GLU B 47 23.28 23.13 5.09
CA GLU B 47 22.04 23.83 5.38
C GLU B 47 20.96 22.79 5.74
N TYR B 48 20.42 22.91 6.95
CA TYR B 48 19.37 22.06 7.46
C TYR B 48 17.97 22.59 7.11
N TYR B 49 17.11 21.69 6.63
CA TYR B 49 15.75 22.05 6.25
C TYR B 49 14.77 20.91 6.45
N LYS B 50 13.58 21.24 6.89
CA LYS B 50 12.39 20.39 6.63
C LYS B 50 11.60 21.09 5.53
N VAL B 51 11.27 20.35 4.48
CA VAL B 51 10.61 20.90 3.30
C VAL B 51 9.25 20.20 3.17
N TYR B 52 8.22 20.98 2.91
CA TYR B 52 6.84 20.51 2.96
C TYR B 52 6.03 20.91 1.73
N MET B 53 5.11 20.04 1.32
CA MET B 53 4.07 20.46 0.37
C MET B 53 2.91 21.03 1.18
N VAL B 54 2.50 22.25 0.84
CA VAL B 54 1.51 22.95 1.62
C VAL B 54 0.44 23.56 0.70
N ASP B 55 -0.64 24.10 1.28
CA ASP B 55 -1.65 24.79 0.47
C ASP B 55 -1.26 26.24 0.18
N LYS B 56 -1.97 26.89 -0.74
CA LYS B 56 -1.64 28.28 -1.14
C LYS B 56 -1.52 29.23 0.04
N ASP B 57 -2.50 29.18 0.96
CA ASP B 57 -2.46 30.10 2.12
C ASP B 57 -1.19 29.94 2.96
N GLN B 58 -0.80 28.69 3.22
CA GLN B 58 0.41 28.38 3.95
C GLN B 58 1.66 28.89 3.24
N ALA B 59 1.71 28.71 1.93
CA ALA B 59 2.82 29.28 1.12
C ALA B 59 2.89 30.81 1.22
N ASP B 60 1.74 31.46 1.05
CA ASP B 60 1.59 32.93 1.11
C ASP B 60 1.98 33.51 2.46
N ARG B 61 1.62 32.78 3.51
CA ARG B 61 1.89 33.17 4.90
C ARG B 61 3.18 32.62 5.49
N CYS B 62 3.89 31.76 4.75
CA CYS B 62 5.07 31.04 5.27
C CYS B 62 4.82 30.41 6.66
N THR B 63 3.84 29.52 6.70
CA THR B 63 3.51 28.75 7.92
C THR B 63 3.29 27.27 7.59
N ILE B 64 3.72 26.41 8.49
CA ILE B 64 3.43 24.98 8.40
C ILE B 64 2.59 24.60 9.63
N LYS B 65 1.79 23.54 9.49
CA LYS B 65 0.93 23.06 10.57
C LYS B 65 1.50 21.78 11.16
N LYS B 66 1.18 21.54 12.43
CA LYS B 66 1.59 20.31 13.12
C LYS B 66 1.19 19.05 12.33
N GLU B 67 0.06 19.13 11.64
CA GLU B 67 -0.47 18.00 10.87
C GLU B 67 0.42 17.62 9.67
N ASN B 68 1.30 18.52 9.25
CA ASN B 68 2.08 18.31 8.04
C ASN B 68 3.24 17.33 8.27
N THR B 69 3.61 16.58 7.22
CA THR B 69 4.70 15.63 7.23
C THR B 69 5.70 16.08 6.15
N PRO B 70 6.99 16.11 6.47
CA PRO B 70 7.94 16.65 5.45
C PRO B 70 8.05 15.79 4.21
N LEU B 71 8.31 16.43 3.08
CA LEU B 71 8.69 15.72 1.87
C LEU B 71 10.21 15.56 1.80
N LEU B 72 10.94 16.45 2.46
CA LEU B 72 12.38 16.30 2.69
C LEU B 72 12.74 16.65 4.14
N ASN B 73 13.60 15.81 4.72
CA ASN B 73 14.17 16.01 6.05
C ASN B 73 15.68 16.10 5.89
N CYS B 74 16.18 17.29 5.57
CA CYS B 74 17.58 17.48 5.22
C CYS B 74 18.38 17.73 6.49
N ALA B 75 18.86 16.64 7.06
CA ALA B 75 19.60 16.68 8.32
C ALA B 75 20.71 15.63 8.33
N LYS B 76 21.27 15.33 7.17
CA LYS B 76 22.35 14.32 7.05
C LYS B 76 23.47 14.96 6.23
N PRO B 77 24.38 15.70 6.90
CA PRO B 77 25.40 16.49 6.23
C PRO B 77 26.27 15.75 5.20
N ASP B 78 26.45 14.44 5.35
CA ASP B 78 27.37 13.71 4.46
C ASP B 78 26.67 12.87 3.38
N GLN B 79 25.40 13.19 3.12
CA GLN B 79 24.54 12.36 2.30
C GLN B 79 23.68 13.32 1.48
N ASP B 80 23.67 13.16 0.16
CA ASP B 80 22.68 13.88 -0.65
C ASP B 80 21.33 13.24 -0.28
N ILE B 81 20.31 14.07 -0.09
CA ILE B 81 18.97 13.59 0.22
C ILE B 81 18.07 14.00 -0.94
N LYS B 82 17.39 13.01 -1.52
CA LYS B 82 16.59 13.22 -2.74
C LYS B 82 15.15 12.87 -2.51
N PHE B 83 14.27 13.71 -3.06
CA PHE B 83 12.84 13.42 -3.19
C PHE B 83 12.50 13.46 -4.68
N THR B 84 11.91 12.38 -5.19
CA THR B 84 11.52 12.29 -6.60
C THR B 84 10.01 12.30 -6.72
N ILE B 85 9.48 13.22 -7.55
CA ILE B 85 8.07 13.30 -7.85
C ILE B 85 7.80 12.89 -9.30
N LYS B 86 6.79 12.06 -9.52
CA LYS B 86 6.17 11.93 -10.84
C LYS B 86 4.81 12.60 -10.77
N PHE B 87 4.52 13.42 -11.78
CA PHE B 87 3.27 14.15 -11.87
C PHE B 87 2.20 13.24 -12.43
N GLN B 88 1.57 12.52 -11.51
CA GLN B 88 0.59 11.51 -11.84
C GLN B 88 -0.32 11.25 -10.64
N GLU B 89 -1.24 10.30 -10.83
CA GLU B 89 -2.25 9.96 -9.82
C GLU B 89 -1.75 8.96 -8.78
N PHE B 90 -0.79 8.14 -9.15
CA PHE B 90 -0.26 7.14 -8.19
C PHE B 90 1.05 7.58 -7.55
N SER B 91 1.30 7.11 -6.33
CA SER B 91 2.58 7.34 -5.65
C SER B 91 2.61 6.50 -4.39
N PRO B 92 3.79 6.42 -3.73
CA PRO B 92 3.84 5.78 -2.39
C PRO B 92 3.36 6.67 -1.22
N ASN B 93 2.74 7.81 -1.54
CA ASN B 93 2.22 8.71 -0.54
C ASN B 93 0.94 8.14 0.01
N LEU B 94 0.81 8.13 1.33
CA LEU B 94 -0.33 7.50 1.97
C LEU B 94 -1.45 8.46 2.42
N TRP B 95 -1.25 9.75 2.16
CA TRP B 95 -2.20 10.80 2.56
C TRP B 95 -3.23 11.21 1.50
N GLY B 96 -3.18 10.59 0.33
CA GLY B 96 -4.13 10.88 -0.74
C GLY B 96 -3.72 12.08 -1.59
N LEU B 97 -2.46 12.48 -1.46
CA LEU B 97 -1.89 13.58 -2.23
C LEU B 97 -1.41 13.09 -3.60
N GLU B 98 -1.83 13.79 -4.66
CA GLU B 98 -1.53 13.45 -6.04
C GLU B 98 -1.49 14.72 -6.89
N PHE B 99 -1.21 14.57 -8.19
CA PHE B 99 -1.12 15.69 -9.10
C PHE B 99 -2.08 15.58 -10.27
N GLN B 100 -2.77 16.69 -10.53
CA GLN B 100 -3.72 16.81 -11.63
C GLN B 100 -3.48 18.07 -12.45
N LYS B 101 -3.86 18.03 -13.73
CA LYS B 101 -3.69 19.21 -14.60
C LYS B 101 -4.49 20.41 -14.14
N ASN B 102 -4.00 21.60 -14.49
CA ASN B 102 -4.62 22.88 -14.17
C ASN B 102 -4.81 23.14 -12.68
N LYS B 103 -3.89 22.63 -11.87
CA LYS B 103 -3.90 22.91 -10.45
C LYS B 103 -2.50 23.35 -10.09
N ASP B 104 -2.42 24.21 -9.08
CA ASP B 104 -1.20 24.75 -8.54
C ASP B 104 -0.81 24.06 -7.23
N TYR B 105 0.48 23.77 -7.05
CA TYR B 105 1.00 23.10 -5.85
C TYR B 105 2.19 23.90 -5.32
N TYR B 106 2.36 23.86 -3.99
CA TYR B 106 3.31 24.71 -3.29
C TYR B 106 4.23 23.88 -2.41
N ILE B 107 5.51 24.20 -2.47
CA ILE B 107 6.51 23.54 -1.59
C ILE B 107 7.34 24.62 -0.91
N ILE B 108 7.42 24.60 0.43
CA ILE B 108 8.15 25.63 1.16
C ILE B 108 8.97 25.00 2.29
N SER B 109 9.85 25.82 2.86
CA SER B 109 10.47 25.48 4.17
C SER B 109 10.39 26.72 5.04
N THR B 110 10.00 26.55 6.30
CA THR B 110 10.03 27.62 7.28
C THR B 110 11.21 27.39 8.26
N SER B 111 12.04 26.39 7.95
CA SER B 111 13.37 26.24 8.58
C SER B 111 14.25 27.46 8.24
N ASN B 112 15.22 27.75 9.10
CA ASN B 112 16.09 28.89 8.86
C ASN B 112 17.48 28.52 8.34
N GLY B 113 17.76 27.22 8.19
CA GLY B 113 19.03 26.80 7.62
C GLY B 113 19.97 26.22 8.65
N SER B 114 19.78 26.61 9.91
CA SER B 114 20.57 26.12 11.03
C SER B 114 19.96 24.87 11.64
N LEU B 115 20.79 24.01 12.22
CA LEU B 115 20.27 22.88 12.96
C LEU B 115 19.22 23.31 14.00
N GLU B 116 19.49 24.40 14.71
CA GLU B 116 18.62 24.82 15.80
C GLU B 116 17.25 25.30 15.29
N GLY B 117 17.19 25.71 14.01
CA GLY B 117 15.94 26.20 13.44
C GLY B 117 15.21 25.23 12.53
N LEU B 118 15.62 23.96 12.58
CA LEU B 118 15.09 22.93 11.66
C LEU B 118 13.59 22.80 11.73
N ASP B 119 13.04 22.87 12.94
CA ASP B 119 11.63 22.61 13.19
C ASP B 119 10.84 23.91 13.40
N ASN B 120 11.41 25.07 13.06
CA ASN B 120 10.65 26.33 13.06
C ASN B 120 9.43 26.24 12.15
N GLN B 121 8.30 26.75 12.63
CA GLN B 121 6.99 26.57 11.99
C GLN B 121 6.46 27.80 11.24
N GLU B 122 7.17 28.92 11.33
CA GLU B 122 6.74 30.14 10.67
C GLU B 122 7.94 30.93 10.17
N GLY B 123 7.83 31.53 8.99
CA GLY B 123 8.86 32.45 8.50
C GLY B 123 9.96 31.70 7.81
N GLY B 124 11.18 31.77 8.37
CA GLY B 124 12.31 31.02 7.81
C GLY B 124 12.62 31.40 6.38
N VAL B 125 13.24 30.47 5.64
CA VAL B 125 13.71 30.74 4.29
C VAL B 125 12.58 31.02 3.28
N CYS B 126 11.38 30.52 3.56
CA CYS B 126 10.18 30.81 2.78
C CYS B 126 10.02 32.35 2.70
N GLN B 127 10.21 33.00 3.85
CA GLN B 127 10.06 34.46 4.00
C GLN B 127 11.32 35.25 3.65
N THR B 128 12.46 34.82 4.20
CA THR B 128 13.69 35.60 4.09
C THR B 128 14.41 35.45 2.76
N ARG B 129 14.15 34.36 2.04
CA ARG B 129 14.87 34.08 0.77
C ARG B 129 13.96 33.60 -0.37
N ALA B 130 12.66 33.56 -0.14
CA ALA B 130 11.72 33.06 -1.11
C ALA B 130 12.11 31.63 -1.55
N MET B 131 12.48 30.78 -0.58
CA MET B 131 12.73 29.36 -0.88
C MET B 131 11.40 28.65 -0.85
N LYS B 132 10.74 28.79 -1.99
CA LYS B 132 9.46 28.19 -2.23
C LYS B 132 9.38 27.82 -3.71
N ILE B 133 8.62 26.76 -3.96
CA ILE B 133 8.39 26.29 -5.30
C ILE B 133 6.90 26.32 -5.57
N LEU B 134 6.54 26.93 -6.71
CA LEU B 134 5.20 26.92 -7.25
C LEU B 134 5.17 26.03 -8.50
N MET B 135 4.41 24.95 -8.44
CA MET B 135 4.29 24.02 -9.58
C MET B 135 2.93 24.20 -10.20
N LYS B 136 2.90 24.83 -11.39
CA LYS B 136 1.68 25.13 -12.09
C LYS B 136 1.51 23.98 -13.06
N VAL B 137 0.90 22.92 -12.52
CA VAL B 137 0.90 21.62 -13.19
C VAL B 137 -0.03 21.66 -14.41
N GLY B 138 0.49 21.18 -15.54
CA GLY B 138 -0.28 21.07 -16.74
C GLY B 138 -0.66 22.42 -17.31
N HIS B 139 0.03 23.49 -16.91
CA HIS B 139 -0.25 24.83 -17.43
C HIS B 139 0.89 25.21 -18.42
N HIS B 140 0.60 26.28 -19.15
CA HIS B 140 1.43 27.01 -20.02
C HIS B 140 0.60 27.45 -21.24
#